data_5IID
#
_entry.id   5IID
#
_cell.length_a   41.500
_cell.length_b   56.400
_cell.length_c   139.480
_cell.angle_alpha   90.000
_cell.angle_beta   90.000
_cell.angle_gamma   90.000
#
_symmetry.space_group_name_H-M   'P 21 21 21'
#
loop_
_entity.id
_entity.type
_entity.pdbx_description
1 polymer 'Protein polybromo-1'
2 non-polymer 2-(3,4-dihydroxyphenyl)-5-hydroxy-4H-1-benzopyran-4-one
3 water water
#
_entity_poly.entity_id   1
_entity_poly.type   'polypeptide(L)'
_entity_poly.pdbx_seq_one_letter_code
;SMSGISPKKSKYMTPMQQKLNEVYEAVKNYTDKRGRRLSAIFLRLPSRSELPDYYLTIKKPMDMEKIRSHMMANKYQDID
SMVEDFVMMFNNACTYNEPESLIYKDALVLHKVLLETRRDLEGD
;
_entity_poly.pdbx_strand_id   A,B
#
# COMPACT_ATOMS: atom_id res chain seq x y z
N SER A 10 25.74 -3.30 15.95
CA SER A 10 26.14 -4.63 15.38
C SER A 10 25.22 -5.18 14.27
N LYS A 11 25.81 -5.52 13.13
CA LYS A 11 25.08 -5.87 11.90
C LYS A 11 24.48 -7.30 11.83
N TYR A 12 25.09 -8.24 12.53
CA TYR A 12 24.65 -9.65 12.49
C TYR A 12 23.50 -9.88 13.44
N MET A 13 22.46 -10.53 12.95
CA MET A 13 21.29 -10.85 13.72
C MET A 13 21.43 -12.25 14.38
N THR A 14 20.83 -12.41 15.55
CA THR A 14 20.70 -13.75 16.14
C THR A 14 19.83 -14.64 15.24
N PRO A 15 19.85 -15.97 15.48
CA PRO A 15 18.92 -16.83 14.74
C PRO A 15 17.43 -16.43 14.84
N MET A 16 17.00 -16.05 16.04
CA MET A 16 15.62 -15.64 16.29
C MET A 16 15.29 -14.36 15.54
N GLN A 17 16.18 -13.36 15.62
CA GLN A 17 15.97 -12.11 14.91
C GLN A 17 15.84 -12.36 13.40
N GLN A 18 16.67 -13.26 12.87
CA GLN A 18 16.62 -13.59 11.47
C GLN A 18 15.29 -14.24 11.12
N LYS A 19 14.79 -15.11 12.00
CA LYS A 19 13.56 -15.82 11.73
C LYS A 19 12.37 -14.82 11.80
N LEU A 20 12.36 -13.98 12.85
CA LEU A 20 11.39 -12.90 12.98
C LEU A 20 11.34 -12.04 11.73
N ASN A 21 12.52 -11.58 11.34
CA ASN A 21 12.63 -10.75 10.17
C ASN A 21 12.13 -11.42 8.92
N GLU A 22 12.39 -12.72 8.78
CA GLU A 22 11.98 -13.42 7.58
C GLU A 22 10.46 -13.64 7.53
N VAL A 23 9.84 -13.90 8.68
CA VAL A 23 8.38 -14.02 8.73
C VAL A 23 7.71 -12.70 8.36
N TYR A 24 8.15 -11.63 9.01
CA TYR A 24 7.65 -10.29 8.68
C TYR A 24 7.76 -9.97 7.21
N GLU A 25 8.95 -10.16 6.65
CA GLU A 25 9.23 -9.82 5.25
C GLU A 25 8.35 -10.63 4.29
N ALA A 26 8.08 -11.88 4.64
CA ALA A 26 7.25 -12.77 3.84
C ALA A 26 5.85 -12.16 3.70
N VAL A 27 5.29 -11.63 4.80
CA VAL A 27 3.96 -10.98 4.73
C VAL A 27 4.04 -9.62 4.01
N LYS A 28 5.04 -8.81 4.37
CA LYS A 28 5.25 -7.54 3.69
C LYS A 28 5.37 -7.69 2.18
N ASN A 29 6.19 -8.62 1.71
CA ASN A 29 6.56 -8.72 0.27
C ASN A 29 5.70 -9.67 -0.55
N TYR A 30 4.81 -10.42 0.09
CA TYR A 30 3.94 -11.30 -0.67
C TYR A 30 3.25 -10.51 -1.79
N THR A 31 3.34 -11.03 -3.02
CA THR A 31 2.65 -10.48 -4.19
C THR A 31 1.85 -11.61 -4.83
N ASP A 32 0.64 -11.34 -5.29
CA ASP A 32 -0.20 -12.40 -5.85
C ASP A 32 0.17 -12.67 -7.32
N LYS A 33 -0.59 -13.53 -7.97
CA LYS A 33 -0.31 -13.90 -9.36
C LYS A 33 -0.33 -12.71 -10.35
N ARG A 34 -1.07 -11.65 -10.03
CA ARG A 34 -1.14 -10.42 -10.84
C ARG A 34 -0.12 -9.33 -10.47
N GLY A 35 0.78 -9.62 -9.54
CA GLY A 35 1.79 -8.66 -9.11
C GLY A 35 1.40 -7.68 -7.99
N ARG A 36 0.22 -7.79 -7.40
CA ARG A 36 -0.19 -6.89 -6.30
C ARG A 36 0.33 -7.31 -4.90
N ARG A 37 0.98 -6.38 -4.19
CA ARG A 37 1.38 -6.54 -2.79
C ARG A 37 0.16 -6.31 -1.93
N LEU A 38 -0.35 -7.36 -1.29
CA LEU A 38 -1.59 -7.26 -0.51
C LEU A 38 -1.32 -6.51 0.79
N SER A 39 -0.07 -6.46 1.20
CA SER A 39 0.30 -5.79 2.44
C SER A 39 0.18 -4.26 2.40
N ALA A 40 0.11 -3.66 1.21
CA ALA A 40 0.25 -2.19 1.09
C ALA A 40 -0.69 -1.44 2.07
N ILE A 41 -1.95 -1.84 2.13
CA ILE A 41 -2.92 -1.13 2.97
C ILE A 41 -2.75 -1.39 4.46
N PHE A 42 -2.03 -2.45 4.82
CA PHE A 42 -1.90 -2.83 6.23
C PHE A 42 -0.68 -2.23 6.87
N LEU A 43 0.13 -1.55 6.09
CA LEU A 43 1.36 -1.02 6.65
C LEU A 43 1.05 -0.04 7.79
N ARG A 44 0.18 0.92 7.53
CA ARG A 44 -0.14 1.96 8.49
C ARG A 44 -1.64 2.19 8.57
N LEU A 45 -2.18 2.10 9.78
CA LEU A 45 -3.59 2.42 10.07
C LEU A 45 -3.77 3.93 9.98
N PRO A 46 -4.92 4.37 9.45
CA PRO A 46 -5.32 5.79 9.55
C PRO A 46 -5.47 6.35 10.98
N SER A 47 -5.53 7.67 11.04
CA SER A 47 -5.73 8.42 12.28
C SER A 47 -7.06 8.08 12.94
N ARG A 48 -7.16 8.37 14.25
CA ARG A 48 -8.47 8.38 14.95
C ARG A 48 -9.49 9.28 14.27
N SER A 49 -9.05 10.47 13.81
CA SER A 49 -9.93 11.43 13.09
C SER A 49 -10.41 10.88 11.76
N GLU A 50 -9.58 10.04 11.14
CA GLU A 50 -9.80 9.54 9.78
C GLU A 50 -10.69 8.32 9.76
N LEU A 51 -10.52 7.45 10.77
CA LEU A 51 -11.30 6.21 10.95
C LEU A 51 -11.89 6.13 12.38
N PRO A 52 -12.62 7.17 12.82
CA PRO A 52 -13.17 7.09 14.17
C PRO A 52 -13.80 5.74 14.51
N ASP A 53 -14.60 5.21 13.58
CA ASP A 53 -15.41 3.99 13.75
C ASP A 53 -14.51 2.78 14.10
N TYR A 54 -13.33 2.69 13.46
CA TYR A 54 -12.42 1.59 13.71
C TYR A 54 -12.02 1.61 15.17
N TYR A 55 -11.65 2.78 15.67
CA TYR A 55 -11.14 2.88 17.04
C TYR A 55 -12.22 2.67 18.11
N LEU A 56 -13.48 2.94 17.80
CA LEU A 56 -14.58 2.61 18.72
C LEU A 56 -14.84 1.10 18.74
N THR A 57 -14.67 0.41 17.62
CA THR A 57 -14.97 -1.04 17.51
C THR A 57 -13.83 -1.95 17.97
N ILE A 58 -12.59 -1.60 17.60
CA ILE A 58 -11.43 -2.47 17.72
C ILE A 58 -10.66 -2.24 19.04
N LYS A 59 -10.61 -3.29 19.86
CA LYS A 59 -10.02 -3.21 21.19
C LYS A 59 -8.52 -2.93 21.11
N LYS A 60 -7.75 -3.72 20.32
CA LYS A 60 -6.27 -3.52 20.22
C LYS A 60 -5.85 -3.13 18.77
N PRO A 61 -5.83 -1.84 18.44
CA PRO A 61 -5.37 -1.48 17.11
C PRO A 61 -3.97 -1.99 16.78
N MET A 62 -3.76 -2.34 15.52
CA MET A 62 -2.53 -3.00 15.08
C MET A 62 -2.34 -2.74 13.59
N ASP A 63 -1.12 -2.40 13.19
CA ASP A 63 -0.76 -2.33 11.76
C ASP A 63 0.66 -2.85 11.62
N MET A 64 1.13 -3.04 10.40
CA MET A 64 2.44 -3.62 10.22
C MET A 64 3.61 -2.77 10.72
N GLU A 65 3.44 -1.45 10.81
CA GLU A 65 4.50 -0.56 11.37
C GLU A 65 4.67 -0.79 12.85
N LYS A 66 3.58 -1.03 13.56
CA LYS A 66 3.64 -1.38 14.99
C LYS A 66 4.45 -2.67 15.15
N ILE A 67 4.19 -3.66 14.30
CA ILE A 67 4.86 -4.97 14.42
C ILE A 67 6.33 -4.80 14.07
N ARG A 68 6.63 -3.96 13.08
CA ARG A 68 7.99 -3.70 12.66
C ARG A 68 8.76 -2.99 13.75
N SER A 69 8.12 -2.02 14.42
CA SER A 69 8.75 -1.30 15.53
C SER A 69 9.07 -2.18 16.72
N HIS A 70 8.12 -3.06 17.09
CA HIS A 70 8.37 -4.00 18.17
C HIS A 70 9.57 -4.84 17.77
N MET A 71 9.55 -5.35 16.53
CA MET A 71 10.60 -6.22 16.03
C MET A 71 12.00 -5.57 16.07
N MET A 72 12.09 -4.30 15.65
CA MET A 72 13.38 -3.60 15.58
C MET A 72 13.91 -3.22 16.95
N ALA A 73 13.01 -3.15 17.93
CA ALA A 73 13.37 -2.98 19.35
C ALA A 73 13.51 -4.34 20.05
N ASN A 74 13.61 -5.43 19.29
CA ASN A 74 13.78 -6.76 19.86
C ASN A 74 12.75 -7.11 20.96
N LYS A 75 11.54 -6.60 20.83
CA LYS A 75 10.50 -6.81 21.85
C LYS A 75 9.79 -8.17 21.70
N TYR A 76 9.95 -8.84 20.57
CA TYR A 76 9.41 -10.18 20.39
C TYR A 76 10.48 -11.20 20.76
N GLN A 77 10.19 -12.04 21.76
CA GLN A 77 11.15 -13.02 22.23
C GLN A 77 10.97 -14.37 21.55
N ASP A 78 9.86 -14.55 20.82
CA ASP A 78 9.71 -15.70 19.94
C ASP A 78 8.79 -15.43 18.75
N ILE A 79 8.76 -16.38 17.82
CA ILE A 79 7.91 -16.31 16.62
C ILE A 79 6.39 -16.29 16.92
N ASP A 80 5.96 -17.04 17.92
CA ASP A 80 4.57 -17.05 18.35
C ASP A 80 4.08 -15.64 18.72
N SER A 81 4.90 -14.85 19.39
CA SER A 81 4.51 -13.49 19.79
C SER A 81 4.25 -12.60 18.58
N MET A 82 5.02 -12.79 17.51
CA MET A 82 4.81 -12.01 16.32
C MET A 82 3.55 -12.49 15.60
N VAL A 83 3.38 -13.80 15.49
CA VAL A 83 2.18 -14.36 14.84
C VAL A 83 0.91 -13.82 15.53
N GLU A 84 0.93 -13.75 16.86
CA GLU A 84 -0.19 -13.22 17.64
C GLU A 84 -0.59 -11.81 17.18
N ASP A 85 0.39 -10.94 16.92
CA ASP A 85 0.11 -9.57 16.53
C ASP A 85 -0.42 -9.52 15.07
N PHE A 86 0.18 -10.27 14.15
CA PHE A 86 -0.38 -10.43 12.82
C PHE A 86 -1.82 -10.95 12.84
N VAL A 87 -2.09 -11.99 13.62
CA VAL A 87 -3.44 -12.56 13.69
C VAL A 87 -4.44 -11.54 14.22
N MET A 88 -4.04 -10.82 15.27
CA MET A 88 -4.80 -9.68 15.78
C MET A 88 -5.08 -8.66 14.63
N MET A 89 -4.06 -8.26 13.88
CA MET A 89 -4.27 -7.32 12.77
C MET A 89 -5.27 -7.85 11.76
N PHE A 90 -5.12 -9.12 11.40
CA PHE A 90 -5.94 -9.71 10.38
C PHE A 90 -7.37 -9.92 10.85
N ASN A 91 -7.53 -10.26 12.14
CA ASN A 91 -8.83 -10.41 12.74
C ASN A 91 -9.55 -9.06 12.85
N ASN A 92 -8.80 -8.00 13.17
CA ASN A 92 -9.35 -6.64 13.22
C ASN A 92 -9.88 -6.24 11.85
N ALA A 93 -9.10 -6.49 10.79
CA ALA A 93 -9.52 -6.13 9.45
C ALA A 93 -10.80 -6.90 9.11
N CYS A 94 -10.84 -8.16 9.52
CA CYS A 94 -12.00 -9.01 9.23
C CYS A 94 -13.21 -8.71 10.12
N THR A 95 -13.00 -8.01 11.24
CA THR A 95 -14.08 -7.57 12.10
C THR A 95 -14.69 -6.24 11.61
N TYR A 96 -13.84 -5.32 11.16
CA TYR A 96 -14.27 -3.95 10.86
C TYR A 96 -14.86 -3.90 9.47
N ASN A 97 -14.19 -4.55 8.52
CA ASN A 97 -14.57 -4.53 7.11
C ASN A 97 -15.51 -5.66 6.73
N GLU A 98 -16.26 -5.46 5.66
CA GLU A 98 -17.30 -6.41 5.29
C GLU A 98 -16.71 -7.67 4.65
N PRO A 99 -17.31 -8.85 4.89
CA PRO A 99 -16.81 -10.11 4.31
C PRO A 99 -16.67 -10.12 2.79
N GLU A 100 -17.44 -9.26 2.12
CA GLU A 100 -17.36 -9.12 0.67
C GLU A 100 -16.33 -8.07 0.25
N SER A 101 -15.75 -7.35 1.21
CA SER A 101 -14.74 -6.30 0.88
C SER A 101 -13.37 -6.91 0.55
N LEU A 102 -12.55 -6.19 -0.21
CA LEU A 102 -11.27 -6.71 -0.64
C LEU A 102 -10.23 -6.77 0.50
N ILE A 103 -10.32 -5.84 1.44
CA ILE A 103 -9.37 -5.78 2.55
C ILE A 103 -9.60 -6.97 3.50
N TYR A 104 -10.87 -7.36 3.62
CA TYR A 104 -11.24 -8.57 4.33
C TYR A 104 -10.59 -9.77 3.64
N LYS A 105 -10.74 -9.87 2.31
CA LYS A 105 -10.21 -11.02 1.57
C LYS A 105 -8.68 -11.09 1.59
N ASP A 106 -8.03 -9.93 1.41
CA ASP A 106 -6.57 -9.82 1.45
C ASP A 106 -6.04 -10.23 2.81
N ALA A 107 -6.75 -9.86 3.86
CA ALA A 107 -6.30 -10.20 5.22
C ALA A 107 -6.28 -11.70 5.36
N LEU A 108 -7.27 -12.39 4.77
CA LEU A 108 -7.32 -13.84 4.83
C LEU A 108 -6.19 -14.48 4.05
N VAL A 109 -5.85 -13.95 2.89
CA VAL A 109 -4.77 -14.56 2.07
C VAL A 109 -3.42 -14.43 2.79
N LEU A 110 -3.24 -13.34 3.52
CA LEU A 110 -1.98 -13.03 4.16
C LEU A 110 -1.87 -13.78 5.48
N HIS A 111 -3.02 -14.05 6.08
CA HIS A 111 -3.07 -14.95 7.20
C HIS A 111 -2.53 -16.30 6.76
N LYS A 112 -2.98 -16.78 5.59
CA LYS A 112 -2.49 -18.07 5.08
C LYS A 112 -0.98 -18.00 4.82
N VAL A 113 -0.52 -16.91 4.21
CA VAL A 113 0.91 -16.74 3.92
C VAL A 113 1.72 -16.74 5.22
N LEU A 114 1.27 -16.04 6.22
CA LEU A 114 1.89 -16.06 7.56
C LEU A 114 2.05 -17.50 8.02
N LEU A 115 0.96 -18.26 8.08
CA LEU A 115 1.03 -19.63 8.62
C LEU A 115 1.89 -20.52 7.75
N GLU A 116 1.72 -20.42 6.42
CA GLU A 116 2.52 -21.20 5.48
C GLU A 116 4.00 -20.87 5.65
N THR A 117 4.31 -19.60 5.92
CA THR A 117 5.69 -19.21 6.19
C THR A 117 6.19 -19.78 7.55
N ARG A 118 5.32 -19.86 8.55
CA ARG A 118 5.77 -20.44 9.82
C ARG A 118 6.05 -21.95 9.66
N ARG A 119 5.16 -22.66 8.96
CA ARG A 119 5.36 -24.10 8.69
C ARG A 119 6.64 -24.37 7.88
N ASP A 120 6.86 -23.63 6.79
CA ASP A 120 8.11 -23.72 6.01
C ASP A 120 9.39 -23.62 6.86
N LEU A 121 9.35 -22.80 7.91
CA LEU A 121 10.54 -22.52 8.70
C LEU A 121 10.57 -23.29 10.04
N GLU A 122 9.73 -24.33 10.18
CA GLU A 122 9.61 -25.09 11.44
C GLU A 122 10.96 -25.59 11.95
N GLY A 123 11.80 -26.09 11.03
CA GLY A 123 13.13 -26.59 11.41
C GLY A 123 14.18 -25.55 11.81
N ASP A 124 13.98 -24.30 11.39
CA ASP A 124 15.07 -23.34 11.29
C ASP A 124 15.23 -22.38 12.49
N SER B 10 22.35 2.07 -20.35
CA SER B 10 22.88 3.40 -19.91
C SER B 10 22.11 3.98 -18.72
N LYS B 11 22.84 4.34 -17.66
CA LYS B 11 22.22 4.67 -16.35
C LYS B 11 21.71 6.11 -16.22
N TYR B 12 22.25 7.04 -17.01
CA TYR B 12 21.87 8.46 -16.91
C TYR B 12 20.58 8.71 -17.69
N MET B 13 19.63 9.37 -17.03
CA MET B 13 18.34 9.70 -17.60
C MET B 13 18.38 11.07 -18.29
N THR B 14 17.60 11.23 -19.36
CA THR B 14 17.45 12.56 -19.97
C THR B 14 16.81 13.51 -18.95
N PRO B 15 16.87 14.82 -19.23
CA PRO B 15 16.13 15.73 -18.34
C PRO B 15 14.65 15.38 -18.17
N MET B 16 13.97 15.00 -19.26
CA MET B 16 12.55 14.67 -19.25
C MET B 16 12.27 13.40 -18.44
N GLN B 17 13.07 12.37 -18.66
CA GLN B 17 12.98 11.16 -17.86
C GLN B 17 13.16 11.43 -16.36
N GLN B 18 14.09 12.31 -16.02
CA GLN B 18 14.30 12.70 -14.61
C GLN B 18 13.08 13.44 -14.05
N LYS B 19 12.48 14.31 -14.86
CA LYS B 19 11.33 15.09 -14.40
C LYS B 19 10.10 14.16 -14.23
N LEU B 20 9.88 13.29 -15.21
CA LEU B 20 8.85 12.26 -15.14
C LEU B 20 9.00 11.42 -13.88
N ASN B 21 10.20 10.89 -13.70
CA ASN B 21 10.50 10.09 -12.54
C ASN B 21 10.27 10.84 -11.24
N GLU B 22 10.59 12.13 -11.20
CA GLU B 22 10.42 12.90 -9.98
C GLU B 22 8.95 13.17 -9.65
N VAL B 23 8.14 13.46 -10.66
CA VAL B 23 6.71 13.68 -10.44
C VAL B 23 6.10 12.39 -9.91
N TYR B 24 6.36 11.29 -10.60
CA TYR B 24 5.86 9.98 -10.14
C TYR B 24 6.23 9.68 -8.69
N GLU B 25 7.52 9.84 -8.37
CA GLU B 25 8.05 9.50 -7.03
C GLU B 25 7.39 10.33 -5.94
N ALA B 26 7.11 11.60 -6.26
CA ALA B 26 6.48 12.52 -5.32
C ALA B 26 5.13 11.99 -4.89
N VAL B 27 4.35 11.49 -5.84
CA VAL B 27 3.05 10.90 -5.50
C VAL B 27 3.22 9.56 -4.78
N LYS B 28 4.07 8.69 -5.32
CA LYS B 28 4.32 7.39 -4.71
C LYS B 28 4.72 7.55 -3.25
N ASN B 29 5.65 8.46 -2.95
CA ASN B 29 6.29 8.55 -1.63
C ASN B 29 5.68 9.53 -0.67
N TYR B 30 4.71 10.31 -1.12
CA TYR B 30 4.08 11.25 -0.23
C TYR B 30 3.63 10.48 1.02
N THR B 31 4.01 10.98 2.19
CA THR B 31 3.61 10.43 3.48
C THR B 31 3.06 11.58 4.32
N ASP B 32 1.96 11.35 5.02
CA ASP B 32 1.35 12.41 5.83
C ASP B 32 2.09 12.58 7.18
N LYS B 33 1.58 13.44 8.04
CA LYS B 33 2.25 13.76 9.31
C LYS B 33 2.41 12.53 10.24
N ARG B 34 1.53 11.54 10.09
CA ARG B 34 1.59 10.28 10.86
C ARG B 34 2.42 9.16 10.22
N GLY B 35 3.06 9.42 9.08
CA GLY B 35 3.87 8.41 8.41
C GLY B 35 3.17 7.52 7.41
N ARG B 36 1.88 7.77 7.12
CA ARG B 36 1.16 6.92 6.17
C ARG B 36 1.35 7.35 4.71
N ARG B 37 1.70 6.40 3.86
CA ARG B 37 1.75 6.60 2.44
C ARG B 37 0.36 6.47 1.89
N LEU B 38 -0.18 7.56 1.37
CA LEU B 38 -1.52 7.55 0.83
C LEU B 38 -1.59 6.79 -0.48
N SER B 39 -0.44 6.65 -1.15
CA SER B 39 -0.41 5.95 -2.43
C SER B 39 -0.67 4.44 -2.33
N ALA B 40 -0.58 3.86 -1.13
CA ALA B 40 -0.58 2.38 -0.93
C ALA B 40 -1.65 1.66 -1.74
N ILE B 41 -2.88 2.10 -1.60
CA ILE B 41 -3.99 1.46 -2.28
C ILE B 41 -4.03 1.75 -3.80
N PHE B 42 -3.34 2.78 -4.26
CA PHE B 42 -3.40 3.16 -5.68
C PHE B 42 -2.34 2.49 -6.54
N LEU B 43 -1.44 1.74 -5.93
CA LEU B 43 -0.31 1.18 -6.68
C LEU B 43 -0.84 0.22 -7.71
N ARG B 44 -1.69 -0.72 -7.29
CA ARG B 44 -2.17 -1.77 -8.14
C ARG B 44 -3.64 -2.01 -7.90
N LEU B 45 -4.41 -1.97 -8.99
CA LEU B 45 -5.82 -2.25 -8.93
C LEU B 45 -6.01 -3.75 -8.74
N PRO B 46 -7.00 -4.13 -7.94
CA PRO B 46 -7.46 -5.50 -7.85
C PRO B 46 -7.99 -6.06 -9.18
N SER B 47 -8.18 -7.37 -9.20
CA SER B 47 -8.79 -8.13 -10.30
C SER B 47 -10.24 -7.71 -10.58
N ARG B 48 -10.75 -8.02 -11.77
CA ARG B 48 -12.22 -7.93 -12.05
C ARG B 48 -13.05 -8.72 -11.07
N SER B 49 -12.58 -9.94 -10.72
CA SER B 49 -13.27 -10.82 -9.76
C SER B 49 -13.31 -10.21 -8.36
N GLU B 50 -12.28 -9.43 -8.03
CA GLU B 50 -12.05 -8.89 -6.69
C GLU B 50 -12.83 -7.60 -6.49
N LEU B 51 -12.93 -6.78 -7.55
CA LEU B 51 -13.66 -5.49 -7.56
C LEU B 51 -14.64 -5.39 -8.73
N PRO B 52 -15.58 -6.34 -8.84
CA PRO B 52 -16.45 -6.31 -10.02
C PRO B 52 -17.06 -4.92 -10.27
N ASP B 53 -17.47 -4.25 -9.20
CA ASP B 53 -18.11 -2.95 -9.29
C ASP B 53 -17.28 -1.91 -10.02
N TYR B 54 -15.98 -1.89 -9.72
CA TYR B 54 -15.10 -0.89 -10.30
C TYR B 54 -15.09 -1.04 -11.79
N TYR B 55 -14.93 -2.27 -12.25
CA TYR B 55 -14.76 -2.49 -13.66
C TYR B 55 -16.09 -2.32 -14.42
N LEU B 56 -17.23 -2.50 -13.74
CA LEU B 56 -18.52 -2.24 -14.36
C LEU B 56 -18.75 -0.73 -14.49
N THR B 57 -18.25 0.07 -13.54
CA THR B 57 -18.42 1.55 -13.57
C THR B 57 -17.40 2.32 -14.40
N ILE B 58 -16.13 1.94 -14.30
CA ILE B 58 -15.01 2.71 -14.83
C ILE B 58 -14.59 2.33 -16.27
N LYS B 59 -14.65 3.30 -17.16
CA LYS B 59 -14.32 3.13 -18.58
C LYS B 59 -12.83 2.90 -18.84
N LYS B 60 -11.96 3.68 -18.22
CA LYS B 60 -10.50 3.52 -18.40
C LYS B 60 -9.79 3.22 -17.08
N PRO B 61 -9.69 1.92 -16.73
CA PRO B 61 -8.97 1.61 -15.51
C PRO B 61 -7.51 2.12 -15.54
N MET B 62 -7.01 2.51 -14.37
CA MET B 62 -5.69 3.11 -14.22
C MET B 62 -5.21 2.90 -12.78
N ASP B 63 -3.95 2.53 -12.61
CA ASP B 63 -3.32 2.49 -11.28
C ASP B 63 -1.87 2.95 -11.43
N MET B 64 -1.17 3.15 -10.34
CA MET B 64 0.20 3.67 -10.46
C MET B 64 1.23 2.73 -11.14
N GLU B 65 0.97 1.42 -11.17
CA GLU B 65 1.84 0.48 -11.89
C GLU B 65 1.74 0.64 -13.38
N LYS B 66 0.52 0.92 -13.86
CA LYS B 66 0.33 1.20 -15.27
C LYS B 66 1.16 2.40 -15.65
N ILE B 67 1.15 3.44 -14.82
CA ILE B 67 1.85 4.70 -15.15
C ILE B 67 3.35 4.46 -15.09
N ARG B 68 3.79 3.68 -14.10
CA ARG B 68 5.18 3.33 -13.95
C ARG B 68 5.69 2.50 -15.15
N SER B 69 4.88 1.56 -15.63
CA SER B 69 5.22 0.76 -16.83
C SER B 69 5.35 1.61 -18.06
N HIS B 70 4.39 2.51 -18.28
CA HIS B 70 4.47 3.41 -19.44
C HIS B 70 5.78 4.19 -19.33
N MET B 71 6.04 4.74 -18.15
CA MET B 71 7.23 5.56 -17.90
C MET B 71 8.52 4.80 -18.18
N MET B 72 8.62 3.55 -17.73
CA MET B 72 9.86 2.78 -17.89
C MET B 72 10.08 2.32 -19.32
N ALA B 73 9.00 2.25 -20.09
CA ALA B 73 9.05 2.00 -21.53
C ALA B 73 9.13 3.32 -22.32
N ASN B 74 9.45 4.43 -21.66
CA ASN B 74 9.59 5.74 -22.31
C ASN B 74 8.41 6.17 -23.18
N LYS B 75 7.21 5.76 -22.80
CA LYS B 75 6.04 6.00 -23.62
C LYS B 75 5.47 7.42 -23.42
N TYR B 76 5.88 8.10 -22.37
CA TYR B 76 5.42 9.47 -22.12
C TYR B 76 6.41 10.45 -22.75
N GLN B 77 5.93 11.30 -23.67
CA GLN B 77 6.78 12.26 -24.38
C GLN B 77 6.91 13.56 -23.61
N ASP B 78 5.97 13.84 -22.72
CA ASP B 78 6.06 15.02 -21.85
C ASP B 78 5.32 14.83 -20.52
N ILE B 79 5.54 15.76 -19.60
CA ILE B 79 4.95 15.74 -18.26
C ILE B 79 3.41 15.77 -18.25
N ASP B 80 2.82 16.54 -19.17
CA ASP B 80 1.37 16.60 -19.28
C ASP B 80 0.73 15.23 -19.56
N SER B 81 1.37 14.40 -20.39
CA SER B 81 0.86 13.04 -20.67
C SER B 81 0.82 12.17 -19.40
N MET B 82 1.79 12.34 -18.51
CA MET B 82 1.79 11.59 -17.27
C MET B 82 0.72 12.15 -16.32
N VAL B 83 0.64 13.48 -16.21
CA VAL B 83 -0.39 14.10 -15.36
C VAL B 83 -1.80 13.64 -15.79
N GLU B 84 -2.03 13.53 -17.10
CA GLU B 84 -3.30 13.05 -17.67
C GLU B 84 -3.69 11.68 -17.10
N ASP B 85 -2.72 10.77 -17.00
CA ASP B 85 -2.99 9.41 -16.48
C ASP B 85 -3.22 9.45 -14.98
N PHE B 86 -2.43 10.23 -14.24
CA PHE B 86 -2.74 10.46 -12.80
C PHE B 86 -4.14 11.06 -12.56
N VAL B 87 -4.49 12.08 -13.34
CA VAL B 87 -5.77 12.74 -13.21
C VAL B 87 -6.93 11.76 -13.50
N MET B 88 -6.78 10.96 -14.56
CA MET B 88 -7.66 9.82 -14.86
C MET B 88 -7.79 8.88 -13.64
N MET B 89 -6.67 8.49 -13.04
CA MET B 89 -6.74 7.63 -11.85
C MET B 89 -7.55 8.29 -10.76
N PHE B 90 -7.24 9.56 -10.50
CA PHE B 90 -7.85 10.26 -9.38
C PHE B 90 -9.34 10.53 -9.62
N ASN B 91 -9.70 10.79 -10.88
CA ASN B 91 -11.08 10.92 -11.34
C ASN B 91 -11.85 9.62 -11.08
N ASN B 92 -11.21 8.49 -11.45
CA ASN B 92 -11.82 7.18 -11.26
C ASN B 92 -12.08 6.94 -9.80
N ALA B 93 -11.10 7.23 -8.94
CA ALA B 93 -11.26 7.01 -7.50
C ALA B 93 -12.39 7.89 -6.95
N CYS B 94 -12.46 9.13 -7.49
CA CYS B 94 -13.49 10.15 -7.16
C CYS B 94 -14.89 9.69 -7.55
N THR B 95 -14.96 8.91 -8.64
CA THR B 95 -16.21 8.43 -9.19
C THR B 95 -16.67 7.15 -8.52
N TYR B 96 -15.75 6.26 -8.18
CA TYR B 96 -16.11 4.93 -7.71
C TYR B 96 -16.41 5.00 -6.23
N ASN B 97 -15.55 5.69 -5.50
CA ASN B 97 -15.62 5.75 -4.04
C ASN B 97 -16.48 6.88 -3.51
N GLU B 98 -17.03 6.70 -2.32
CA GLU B 98 -17.96 7.68 -1.77
C GLU B 98 -17.18 8.89 -1.19
N PRO B 99 -17.75 10.11 -1.32
CA PRO B 99 -17.07 11.33 -0.87
C PRO B 99 -16.60 11.33 0.58
N GLU B 100 -17.25 10.53 1.43
CA GLU B 100 -16.86 10.41 2.84
C GLU B 100 -15.82 9.32 3.04
N SER B 101 -15.54 8.52 2.02
CA SER B 101 -14.57 7.44 2.18
C SER B 101 -13.15 8.00 2.23
N LEU B 102 -12.24 7.25 2.88
CA LEU B 102 -10.88 7.73 3.05
C LEU B 102 -10.10 7.68 1.72
N ILE B 103 -10.44 6.75 0.85
CA ILE B 103 -9.78 6.64 -0.43
C ILE B 103 -10.11 7.85 -1.31
N TYR B 104 -11.35 8.32 -1.20
CA TYR B 104 -11.76 9.54 -1.87
C TYR B 104 -10.91 10.70 -1.36
N LYS B 105 -10.79 10.84 -0.05
CA LYS B 105 -10.05 11.94 0.54
C LYS B 105 -8.55 11.89 0.19
N ASP B 106 -7.97 10.70 0.25
CA ASP B 106 -6.57 10.48 -0.11
C ASP B 106 -6.33 10.83 -1.58
N ALA B 107 -7.27 10.50 -2.44
CA ALA B 107 -7.13 10.78 -3.87
C ALA B 107 -7.00 12.28 -4.03
N LEU B 108 -7.78 13.03 -3.27
CA LEU B 108 -7.78 14.47 -3.39
C LEU B 108 -6.48 15.06 -2.88
N VAL B 109 -5.94 14.53 -1.79
CA VAL B 109 -4.68 15.06 -1.28
C VAL B 109 -3.53 14.81 -2.27
N LEU B 110 -3.59 13.69 -2.98
CA LEU B 110 -2.52 13.29 -3.90
C LEU B 110 -2.63 14.04 -5.20
N HIS B 111 -3.85 14.39 -5.56
CA HIS B 111 -4.07 15.24 -6.71
C HIS B 111 -3.40 16.57 -6.43
N LYS B 112 -3.53 17.08 -5.20
CA LYS B 112 -2.86 18.34 -4.81
C LYS B 112 -1.35 18.19 -4.87
N VAL B 113 -0.84 17.09 -4.35
CA VAL B 113 0.61 16.85 -4.36
C VAL B 113 1.12 16.81 -5.80
N LEU B 114 0.43 16.09 -6.66
CA LEU B 114 0.78 16.07 -8.07
C LEU B 114 0.92 17.49 -8.60
N LEU B 115 -0.13 18.29 -8.45
CA LEU B 115 -0.12 19.65 -9.02
C LEU B 115 0.92 20.55 -8.36
N GLU B 116 1.05 20.46 -7.03
CA GLU B 116 2.06 21.23 -6.30
C GLU B 116 3.45 20.84 -6.79
N THR B 117 3.64 19.56 -7.08
CA THR B 117 4.93 19.10 -7.58
C THR B 117 5.15 19.59 -9.02
N ARG B 118 4.10 19.69 -9.83
CA ARG B 118 4.29 20.24 -11.18
C ARG B 118 4.69 21.73 -11.11
N ARG B 119 4.00 22.49 -10.26
CA ARG B 119 4.32 23.91 -10.07
C ARG B 119 5.76 24.11 -9.61
N ASP B 120 6.15 23.41 -8.54
CA ASP B 120 7.52 23.48 -8.00
C ASP B 120 8.59 23.31 -9.08
N LEU B 121 8.32 22.45 -10.08
CA LEU B 121 9.30 22.07 -11.10
C LEU B 121 9.11 22.79 -12.43
N GLU B 122 8.31 23.87 -12.43
CA GLU B 122 7.97 24.61 -13.65
C GLU B 122 9.19 25.03 -14.48
N GLY B 123 10.22 25.51 -13.79
CA GLY B 123 11.46 25.93 -14.46
C GLY B 123 12.36 24.82 -15.00
N ASP B 124 12.18 23.59 -14.51
CA ASP B 124 13.23 22.57 -14.58
C ASP B 124 13.02 21.48 -15.65
#